data_5OAP
#
_entry.id   5OAP
#
_entity_poly.entity_id   1
_entity_poly.type   'polypeptide(L)'
_entity_poly.pdbx_seq_one_letter_code
;SSDMFDVDELLRDLNGDD
;
_entity_poly.pdbx_strand_id   A
#
# COMPACT_ATOMS: atom_id res chain seq x y z
N SER A 1 3.86 -10.55 -0.41
CA SER A 1 4.52 -9.33 0.13
C SER A 1 5.13 -9.64 1.49
N SER A 2 5.62 -10.87 1.65
CA SER A 2 6.24 -11.28 2.89
C SER A 2 7.58 -10.56 3.10
N ASP A 3 8.32 -10.42 2.02
CA ASP A 3 9.63 -9.75 2.09
C ASP A 3 9.51 -8.25 1.82
N MET A 4 8.28 -7.74 1.75
CA MET A 4 8.07 -6.32 1.50
C MET A 4 6.74 -5.87 2.12
N PHE A 5 6.32 -4.66 1.77
CA PHE A 5 5.07 -4.13 2.29
C PHE A 5 3.89 -4.66 1.48
N ASP A 6 2.72 -4.74 2.11
CA ASP A 6 1.54 -5.24 1.41
C ASP A 6 1.11 -4.27 0.31
N VAL A 7 0.61 -4.83 -0.79
CA VAL A 7 0.16 -4.03 -1.90
C VAL A 7 -1.09 -3.23 -1.52
N ASP A 8 -1.98 -3.87 -0.78
CA ASP A 8 -3.22 -3.20 -0.37
C ASP A 8 -2.91 -1.96 0.44
N GLU A 9 -1.93 -2.05 1.34
CA GLU A 9 -1.56 -0.91 2.17
C GLU A 9 -1.01 0.22 1.30
N LEU A 10 -0.16 -0.14 0.34
CA LEU A 10 0.42 0.85 -0.55
C LEU A 10 -0.65 1.48 -1.43
N LEU A 11 -1.57 0.65 -1.91
CA LEU A 11 -2.65 1.13 -2.77
C LEU A 11 -3.50 2.15 -2.03
N ARG A 12 -3.83 1.85 -0.79
CA ARG A 12 -4.64 2.75 0.03
C ARG A 12 -3.95 4.09 0.21
N ASP A 13 -2.64 4.05 0.46
CA ASP A 13 -1.87 5.27 0.66
C ASP A 13 -1.93 6.14 -0.60
N LEU A 14 -1.78 5.52 -1.75
CA LEU A 14 -1.81 6.24 -3.02
C LEU A 14 -3.17 6.88 -3.23
N ASN A 15 -4.22 6.14 -2.89
CA ASN A 15 -5.58 6.66 -3.05
C ASN A 15 -5.79 7.90 -2.18
N GLY A 16 -5.26 7.86 -0.96
CA GLY A 16 -5.39 8.97 -0.04
C GLY A 16 -4.74 10.23 -0.61
N ASP A 17 -3.58 10.05 -1.23
CA ASP A 17 -2.86 11.18 -1.81
C ASP A 17 -3.30 11.40 -3.26
N ASP A 18 -4.05 12.48 -3.49
CA ASP A 18 -4.53 12.80 -4.83
C ASP A 18 -4.46 14.30 -5.07
N SER A 1 6.16 -9.45 -1.52
CA SER A 1 4.93 -9.08 -0.75
C SER A 1 5.20 -9.26 0.74
N SER A 2 5.50 -10.49 1.14
CA SER A 2 5.78 -10.78 2.53
C SER A 2 7.03 -10.05 3.00
N ASP A 3 8.09 -10.15 2.20
CA ASP A 3 9.35 -9.48 2.53
C ASP A 3 9.14 -7.98 2.53
N MET A 4 8.35 -7.50 1.59
CA MET A 4 8.09 -6.06 1.49
C MET A 4 6.73 -5.70 2.10
N PHE A 5 6.24 -4.52 1.76
CA PHE A 5 4.94 -4.08 2.28
C PHE A 5 3.81 -4.64 1.43
N ASP A 6 2.64 -4.78 2.03
CA ASP A 6 1.49 -5.32 1.31
C ASP A 6 1.03 -4.35 0.22
N VAL A 7 0.54 -4.91 -0.87
CA VAL A 7 0.07 -4.09 -1.98
C VAL A 7 -1.15 -3.27 -1.57
N ASP A 8 -2.03 -3.90 -0.80
CA ASP A 8 -3.24 -3.22 -0.36
C ASP A 8 -2.90 -1.98 0.45
N GLU A 9 -1.90 -2.12 1.33
CA GLU A 9 -1.48 -0.98 2.16
C GLU A 9 -0.97 0.16 1.29
N LEU A 10 -0.12 -0.17 0.32
CA LEU A 10 0.43 0.83 -0.58
C LEU A 10 -0.65 1.46 -1.44
N LEU A 11 -1.58 0.62 -1.91
CA LEU A 11 -2.66 1.08 -2.75
C LEU A 11 -3.49 2.13 -2.00
N ARG A 12 -3.82 1.84 -0.75
CA ARG A 12 -4.59 2.76 0.06
C ARG A 12 -3.85 4.08 0.23
N ASP A 13 -2.55 4.00 0.47
CA ASP A 13 -1.74 5.20 0.65
C ASP A 13 -1.79 6.07 -0.59
N LEU A 14 -1.68 5.45 -1.75
CA LEU A 14 -1.71 6.20 -3.01
C LEU A 14 -3.07 6.86 -3.21
N ASN A 15 -4.13 6.12 -2.87
CA ASN A 15 -5.48 6.65 -3.02
C ASN A 15 -5.68 7.86 -2.13
N GLY A 16 -5.13 7.80 -0.92
CA GLY A 16 -5.25 8.91 0.03
C GLY A 16 -4.45 8.63 1.30
N ASP A 17 -4.47 9.59 2.22
CA ASP A 17 -3.74 9.44 3.48
C ASP A 17 -4.32 10.36 4.55
N ASP A 18 -4.01 10.05 5.81
CA ASP A 18 -4.51 10.87 6.91
C ASP A 18 -3.36 11.33 7.80
N SER A 1 4.77 -9.02 -0.34
CA SER A 1 4.34 -8.72 1.06
C SER A 1 5.20 -9.52 2.03
N SER A 2 5.58 -10.72 1.63
CA SER A 2 6.40 -11.58 2.48
C SER A 2 7.74 -10.92 2.77
N ASP A 3 8.36 -10.37 1.74
CA ASP A 3 9.65 -9.70 1.90
C ASP A 3 9.51 -8.20 1.68
N MET A 4 8.28 -7.70 1.68
CA MET A 4 8.03 -6.28 1.47
C MET A 4 6.70 -5.88 2.09
N PHE A 5 6.26 -4.65 1.79
CA PHE A 5 5.01 -4.16 2.34
C PHE A 5 3.83 -4.68 1.52
N ASP A 6 2.66 -4.75 2.15
CA ASP A 6 1.48 -5.25 1.46
C ASP A 6 1.06 -4.29 0.35
N VAL A 7 0.58 -4.85 -0.76
CA VAL A 7 0.14 -4.05 -1.88
C VAL A 7 -1.10 -3.24 -1.52
N ASP A 8 -2.01 -3.86 -0.78
CA ASP A 8 -3.24 -3.18 -0.38
C ASP A 8 -2.91 -1.94 0.45
N GLU A 9 -1.95 -2.06 1.34
CA GLU A 9 -1.56 -0.94 2.19
C GLU A 9 -1.03 0.21 1.34
N LEU A 10 -0.15 -0.11 0.39
CA LEU A 10 0.41 0.90 -0.49
C LEU A 10 -0.67 1.51 -1.39
N LEU A 11 -1.56 0.65 -1.87
CA LEU A 11 -2.63 1.10 -2.75
C LEU A 11 -3.50 2.13 -2.05
N ARG A 12 -3.85 1.86 -0.80
CA ARG A 12 -4.68 2.78 -0.03
C ARG A 12 -3.97 4.11 0.16
N ASP A 13 -2.67 4.05 0.44
CA ASP A 13 -1.89 5.26 0.64
C ASP A 13 -1.89 6.11 -0.63
N LEU A 14 -1.76 5.47 -1.77
CA LEU A 14 -1.74 6.18 -3.05
C LEU A 14 -3.09 6.85 -3.30
N ASN A 15 -4.17 6.15 -2.96
CA ASN A 15 -5.51 6.68 -3.16
C ASN A 15 -5.71 7.94 -2.32
N GLY A 16 -5.18 7.92 -1.10
CA GLY A 16 -5.31 9.07 -0.21
C GLY A 16 -6.72 9.15 0.38
N ASP A 17 -7.07 10.33 0.89
CA ASP A 17 -8.39 10.52 1.47
C ASP A 17 -9.40 10.95 0.41
N ASP A 18 -10.27 10.03 0.02
CA ASP A 18 -11.28 10.33 -0.99
C ASP A 18 -12.32 11.29 -0.45
N SER A 1 5.56 -9.47 -1.11
CA SER A 1 4.74 -8.88 -0.01
C SER A 1 5.21 -9.43 1.33
N SER A 2 5.71 -10.67 1.32
CA SER A 2 6.19 -11.30 2.54
C SER A 2 7.41 -10.56 3.08
N ASP A 3 8.31 -10.18 2.18
CA ASP A 3 9.53 -9.47 2.57
C ASP A 3 9.32 -7.97 2.53
N MET A 4 8.42 -7.53 1.66
CA MET A 4 8.13 -6.10 1.52
C MET A 4 6.77 -5.77 2.14
N PHE A 5 6.26 -4.59 1.83
CA PHE A 5 4.98 -4.15 2.36
C PHE A 5 3.84 -4.71 1.51
N ASP A 6 2.66 -4.83 2.12
CA ASP A 6 1.49 -5.34 1.41
C ASP A 6 1.04 -4.37 0.32
N VAL A 7 0.54 -4.90 -0.78
CA VAL A 7 0.06 -4.08 -1.88
C VAL A 7 -1.18 -3.30 -1.47
N ASP A 8 -2.06 -3.94 -0.70
CA ASP A 8 -3.29 -3.29 -0.28
C ASP A 8 -2.99 -2.00 0.48
N GLU A 9 -2.00 -2.06 1.37
CA GLU A 9 -1.61 -0.89 2.14
C GLU A 9 -1.05 0.20 1.23
N LEU A 10 -0.21 -0.21 0.29
CA LEU A 10 0.39 0.73 -0.65
C LEU A 10 -0.69 1.39 -1.51
N LEU A 11 -1.65 0.58 -1.98
CA LEU A 11 -2.71 1.07 -2.82
C LEU A 11 -3.55 2.11 -2.07
N ARG A 12 -3.82 1.83 -0.80
CA ARG A 12 -4.60 2.75 0.02
C ARG A 12 -3.86 4.07 0.21
N ASP A 13 -2.54 3.98 0.39
CA ASP A 13 -1.73 5.18 0.59
C ASP A 13 -1.80 6.08 -0.65
N LEU A 14 -1.70 5.47 -1.82
CA LEU A 14 -1.74 6.22 -3.06
C LEU A 14 -3.10 6.90 -3.22
N ASN A 15 -4.16 6.19 -2.85
CA ASN A 15 -5.51 6.74 -2.97
C ASN A 15 -5.65 7.97 -2.08
N GLY A 16 -5.10 7.91 -0.88
CA GLY A 16 -5.17 9.04 0.05
C GLY A 16 -4.46 10.26 -0.53
N ASP A 17 -3.31 10.02 -1.15
CA ASP A 17 -2.53 11.11 -1.74
C ASP A 17 -3.33 11.79 -2.85
N ASP A 18 -4.04 11.00 -3.64
CA ASP A 18 -4.84 11.54 -4.73
C ASP A 18 -5.77 10.47 -5.29
N SER A 1 4.05 -10.91 -0.72
CA SER A 1 4.54 -9.56 -0.30
C SER A 1 4.98 -9.62 1.17
N SER A 2 5.41 -10.80 1.60
CA SER A 2 5.86 -10.98 2.98
C SER A 2 7.18 -10.27 3.21
N ASP A 3 8.08 -10.40 2.24
CA ASP A 3 9.39 -9.76 2.34
C ASP A 3 9.24 -8.25 2.32
N MET A 4 8.34 -7.77 1.48
CA MET A 4 8.10 -6.33 1.37
C MET A 4 6.78 -5.93 2.01
N PHE A 5 6.31 -4.74 1.70
CA PHE A 5 5.04 -4.25 2.24
C PHE A 5 3.87 -4.79 1.42
N ASP A 6 2.70 -4.88 2.04
CA ASP A 6 1.53 -5.38 1.34
C ASP A 6 1.08 -4.39 0.26
N VAL A 7 0.56 -4.93 -0.83
CA VAL A 7 0.09 -4.10 -1.93
C VAL A 7 -1.10 -3.26 -1.50
N ASP A 8 -1.99 -3.86 -0.72
CA ASP A 8 -3.18 -3.15 -0.26
C ASP A 8 -2.80 -1.92 0.53
N GLU A 9 -1.81 -2.05 1.41
CA GLU A 9 -1.35 -0.93 2.22
C GLU A 9 -0.84 0.19 1.32
N LEU A 10 -0.01 -0.18 0.35
CA LEU A 10 0.55 0.81 -0.58
C LEU A 10 -0.55 1.44 -1.42
N LEU A 11 -1.48 0.61 -1.87
CA LEU A 11 -2.58 1.09 -2.69
C LEU A 11 -3.42 2.12 -1.94
N ARG A 12 -3.72 1.82 -0.68
CA ARG A 12 -4.51 2.73 0.15
C ARG A 12 -3.79 4.05 0.32
N ASP A 13 -2.48 3.99 0.50
CA ASP A 13 -1.68 5.19 0.69
C ASP A 13 -1.81 6.11 -0.52
N LEU A 14 -1.69 5.52 -1.71
CA LEU A 14 -1.79 6.29 -2.94
C LEU A 14 -3.20 6.84 -3.13
N ASN A 15 -4.19 6.03 -2.78
CA ASN A 15 -5.59 6.44 -2.91
C ASN A 15 -5.86 7.69 -2.09
N GLY A 16 -5.24 7.77 -0.91
CA GLY A 16 -5.43 8.92 -0.05
C GLY A 16 -4.96 10.19 -0.75
N ASP A 17 -3.88 10.09 -1.52
CA ASP A 17 -3.37 11.24 -2.25
C ASP A 17 -3.84 11.24 -3.70
N ASP A 18 -4.78 12.12 -4.01
CA ASP A 18 -5.32 12.20 -5.37
C ASP A 18 -4.61 13.30 -6.15
N SER A 1 3.91 -10.62 -0.65
CA SER A 1 4.54 -9.33 -0.22
C SER A 1 4.83 -9.38 1.27
N SER A 2 5.08 -10.57 1.79
CA SER A 2 5.36 -10.75 3.21
C SER A 2 6.69 -10.09 3.57
N ASP A 3 7.70 -10.34 2.74
CA ASP A 3 9.02 -9.79 2.97
C ASP A 3 8.97 -8.27 2.87
N MET A 4 8.18 -7.77 1.91
CA MET A 4 8.06 -6.33 1.73
C MET A 4 6.72 -5.83 2.25
N PHE A 5 6.33 -4.63 1.81
CA PHE A 5 5.06 -4.06 2.25
C PHE A 5 3.92 -4.61 1.41
N ASP A 6 2.74 -4.74 2.03
CA ASP A 6 1.59 -5.26 1.33
C ASP A 6 1.13 -4.30 0.24
N VAL A 7 0.66 -4.86 -0.87
CA VAL A 7 0.19 -4.04 -1.98
C VAL A 7 -1.04 -3.24 -1.59
N ASP A 8 -1.94 -3.89 -0.84
CA ASP A 8 -3.16 -3.22 -0.41
C ASP A 8 -2.84 -1.99 0.43
N GLU A 9 -1.86 -2.11 1.31
CA GLU A 9 -1.47 -1.00 2.17
C GLU A 9 -0.96 0.16 1.31
N LEU A 10 -0.10 -0.15 0.36
CA LEU A 10 0.44 0.88 -0.52
C LEU A 10 -0.64 1.48 -1.39
N LEU A 11 -1.54 0.63 -1.87
CA LEU A 11 -2.62 1.08 -2.73
C LEU A 11 -3.48 2.12 -2.00
N ARG A 12 -3.81 1.82 -0.74
CA ARG A 12 -4.64 2.73 0.04
C ARG A 12 -3.92 4.06 0.24
N ASP A 13 -2.61 4.00 0.46
CA ASP A 13 -1.83 5.21 0.66
C ASP A 13 -1.88 6.10 -0.58
N LEU A 14 -1.77 5.47 -1.75
CA LEU A 14 -1.81 6.22 -3.01
C LEU A 14 -3.19 6.83 -3.23
N ASN A 15 -4.23 6.08 -2.87
CA ASN A 15 -5.59 6.56 -3.03
C ASN A 15 -5.84 7.77 -2.14
N GLY A 16 -5.30 7.73 -0.93
CA GLY A 16 -5.46 8.83 0.01
C GLY A 16 -6.72 8.63 0.85
N ASP A 17 -7.17 9.71 1.49
CA ASP A 17 -8.36 9.65 2.32
C ASP A 17 -9.62 9.74 1.47
N ASP A 18 -10.78 9.68 2.13
CA ASP A 18 -12.05 9.76 1.42
C ASP A 18 -12.14 8.67 0.35
N SER A 1 4.04 -11.06 -0.39
CA SER A 1 4.56 -9.69 -0.09
C SER A 1 4.92 -9.61 1.39
N SER A 2 5.30 -10.73 1.97
CA SER A 2 5.70 -10.78 3.37
C SER A 2 7.04 -10.08 3.57
N ASP A 3 7.97 -10.31 2.65
CA ASP A 3 9.28 -9.69 2.74
C ASP A 3 9.17 -8.17 2.63
N MET A 4 8.25 -7.71 1.79
CA MET A 4 8.05 -6.29 1.60
C MET A 4 6.71 -5.85 2.17
N PHE A 5 6.28 -4.65 1.80
CA PHE A 5 5.00 -4.12 2.27
C PHE A 5 3.86 -4.65 1.41
N ASP A 6 2.68 -4.79 2.03
CA ASP A 6 1.52 -5.30 1.30
C ASP A 6 1.08 -4.31 0.23
N VAL A 7 0.59 -4.84 -0.88
CA VAL A 7 0.13 -4.00 -1.98
C VAL A 7 -1.10 -3.21 -1.57
N ASP A 8 -1.99 -3.86 -0.82
CA ASP A 8 -3.22 -3.20 -0.37
C ASP A 8 -2.88 -1.97 0.44
N GLU A 9 -1.92 -2.08 1.33
CA GLU A 9 -1.51 -0.95 2.17
C GLU A 9 -0.97 0.18 1.30
N LEU A 10 -0.13 -0.17 0.33
CA LEU A 10 0.44 0.82 -0.56
C LEU A 10 -0.65 1.48 -1.41
N LEU A 11 -1.58 0.66 -1.89
CA LEU A 11 -2.65 1.16 -2.73
C LEU A 11 -3.48 2.19 -1.97
N ARG A 12 -3.78 1.90 -0.71
CA ARG A 12 -4.57 2.82 0.11
C ARG A 12 -3.85 4.16 0.25
N ASP A 13 -2.53 4.10 0.47
CA ASP A 13 -1.75 5.32 0.63
C ASP A 13 -1.83 6.18 -0.64
N LEU A 14 -1.74 5.53 -1.79
CA LEU A 14 -1.80 6.24 -3.07
C LEU A 14 -3.19 6.85 -3.26
N ASN A 15 -4.22 6.09 -2.91
CA ASN A 15 -5.59 6.56 -3.06
C ASN A 15 -5.82 7.80 -2.21
N GLY A 16 -5.29 7.78 -0.99
CA GLY A 16 -5.44 8.93 -0.09
C GLY A 16 -4.81 10.18 -0.67
N ASP A 17 -3.65 10.01 -1.30
CA ASP A 17 -2.94 11.13 -1.90
C ASP A 17 -2.73 12.25 -0.88
N ASP A 18 -2.29 11.85 0.32
CA ASP A 18 -2.05 12.82 1.38
C ASP A 18 -3.35 13.48 1.81
N SER A 1 6.00 -9.93 -0.96
CA SER A 1 4.83 -9.35 -0.25
C SER A 1 5.10 -9.35 1.26
N SER A 2 5.47 -10.51 1.79
CA SER A 2 5.76 -10.64 3.20
C SER A 2 7.05 -9.91 3.56
N ASP A 3 8.04 -10.04 2.68
CA ASP A 3 9.33 -9.38 2.89
C ASP A 3 9.16 -7.88 2.81
N MET A 4 8.32 -7.43 1.88
CA MET A 4 8.09 -6.01 1.70
C MET A 4 6.71 -5.61 2.25
N PHE A 5 6.24 -4.43 1.85
CA PHE A 5 4.95 -3.95 2.31
C PHE A 5 3.84 -4.54 1.46
N ASP A 6 2.67 -4.73 2.06
CA ASP A 6 1.54 -5.30 1.35
C ASP A 6 1.07 -4.35 0.25
N VAL A 7 0.59 -4.92 -0.85
CA VAL A 7 0.10 -4.12 -1.97
C VAL A 7 -1.15 -3.36 -1.57
N ASP A 8 -2.02 -4.00 -0.79
CA ASP A 8 -3.25 -3.36 -0.37
C ASP A 8 -2.95 -2.08 0.42
N GLU A 9 -1.96 -2.15 1.30
CA GLU A 9 -1.59 -0.99 2.10
C GLU A 9 -1.06 0.13 1.21
N LEU A 10 -0.25 -0.24 0.23
CA LEU A 10 0.31 0.73 -0.70
C LEU A 10 -0.79 1.36 -1.55
N LEU A 11 -1.72 0.53 -1.99
CA LEU A 11 -2.82 1.01 -2.83
C LEU A 11 -3.62 2.07 -2.10
N ARG A 12 -3.96 1.79 -0.85
CA ARG A 12 -4.73 2.72 -0.04
C ARG A 12 -3.95 4.01 0.18
N ASP A 13 -2.64 3.88 0.39
CA ASP A 13 -1.80 5.05 0.61
C ASP A 13 -1.81 5.95 -0.61
N LEU A 14 -1.71 5.36 -1.78
CA LEU A 14 -1.71 6.13 -3.02
C LEU A 14 -3.04 6.85 -3.21
N ASN A 15 -4.12 6.17 -2.87
CA ASN A 15 -5.45 6.77 -2.99
C ASN A 15 -5.56 8.01 -2.12
N GLY A 16 -5.04 7.92 -0.89
CA GLY A 16 -5.10 9.04 0.03
C GLY A 16 -4.36 10.25 -0.53
N ASP A 17 -3.19 10.00 -1.11
CA ASP A 17 -2.39 11.08 -1.68
C ASP A 17 -2.42 11.01 -3.20
N ASP A 18 -3.20 11.88 -3.81
CA ASP A 18 -3.30 11.90 -5.27
C ASP A 18 -2.49 13.06 -5.85
N SER A 1 5.20 -9.25 -0.72
CA SER A 1 4.52 -8.71 0.49
C SER A 1 5.14 -9.33 1.74
N SER A 2 5.62 -10.56 1.62
CA SER A 2 6.23 -11.24 2.75
C SER A 2 7.48 -10.49 3.21
N ASP A 3 8.31 -10.07 2.25
CA ASP A 3 9.53 -9.35 2.57
C ASP A 3 9.33 -7.84 2.46
N MET A 4 8.38 -7.44 1.61
CA MET A 4 8.09 -6.03 1.41
C MET A 4 6.75 -5.66 2.04
N PHE A 5 6.24 -4.49 1.70
CA PHE A 5 4.97 -4.02 2.23
C PHE A 5 3.81 -4.61 1.43
N ASP A 6 2.65 -4.72 2.07
CA ASP A 6 1.48 -5.28 1.40
C ASP A 6 1.01 -4.34 0.29
N VAL A 7 0.49 -4.93 -0.78
CA VAL A 7 0.00 -4.16 -1.91
C VAL A 7 -1.22 -3.35 -1.50
N ASP A 8 -2.10 -3.95 -0.72
CA ASP A 8 -3.31 -3.26 -0.28
C ASP A 8 -2.96 -2.01 0.51
N GLU A 9 -1.96 -2.11 1.37
CA GLU A 9 -1.54 -0.96 2.17
C GLU A 9 -0.99 0.14 1.28
N LEU A 10 -0.21 -0.25 0.27
CA LEU A 10 0.37 0.73 -0.65
C LEU A 10 -0.70 1.36 -1.52
N LEU A 11 -1.62 0.53 -2.00
CA LEU A 11 -2.68 1.01 -2.86
C LEU A 11 -3.54 2.03 -2.12
N ARG A 12 -3.83 1.75 -0.86
CA ARG A 12 -4.63 2.66 -0.06
C ARG A 12 -3.91 4.00 0.14
N ASP A 13 -2.61 3.93 0.41
CA ASP A 13 -1.82 5.13 0.62
C ASP A 13 -1.83 6.01 -0.63
N LEU A 14 -1.74 5.37 -1.80
CA LEU A 14 -1.74 6.10 -3.05
C LEU A 14 -3.07 6.82 -3.25
N ASN A 15 -4.17 6.13 -2.90
CA ASN A 15 -5.49 6.71 -3.05
C ASN A 15 -5.66 7.93 -2.14
N GLY A 16 -5.11 7.83 -0.93
CA GLY A 16 -5.21 8.93 0.03
C GLY A 16 -4.50 10.17 -0.50
N ASP A 17 -3.35 9.97 -1.13
CA ASP A 17 -2.59 11.09 -1.68
C ASP A 17 -3.05 11.41 -3.10
N ASP A 18 -3.82 12.48 -3.23
CA ASP A 18 -4.33 12.88 -4.55
C ASP A 18 -3.18 13.33 -5.44
N SER A 1 6.30 -9.73 -1.53
CA SER A 1 5.08 -9.37 -0.76
C SER A 1 5.37 -9.46 0.74
N SER A 2 5.70 -10.66 1.21
CA SER A 2 5.99 -10.88 2.61
C SER A 2 7.28 -10.15 3.00
N ASP A 3 8.27 -10.20 2.10
CA ASP A 3 9.55 -9.55 2.35
C ASP A 3 9.38 -8.04 2.32
N MET A 4 8.37 -7.58 1.58
CA MET A 4 8.11 -6.14 1.48
C MET A 4 6.77 -5.79 2.09
N PHE A 5 6.26 -4.60 1.77
CA PHE A 5 4.99 -4.15 2.30
C PHE A 5 3.84 -4.71 1.46
N ASP A 6 2.68 -4.86 2.08
CA ASP A 6 1.52 -5.39 1.37
C ASP A 6 1.05 -4.41 0.30
N VAL A 7 0.54 -4.96 -0.80
CA VAL A 7 0.04 -4.14 -1.89
C VAL A 7 -1.18 -3.34 -1.46
N ASP A 8 -2.04 -3.98 -0.68
CA ASP A 8 -3.26 -3.33 -0.22
C ASP A 8 -2.92 -2.05 0.55
N GLU A 9 -1.94 -2.14 1.44
CA GLU A 9 -1.54 -0.98 2.23
C GLU A 9 -1.01 0.12 1.32
N LEU A 10 -0.21 -0.27 0.34
CA LEU A 10 0.37 0.70 -0.60
C LEU A 10 -0.73 1.35 -1.44
N LEU A 11 -1.69 0.53 -1.86
CA LEU A 11 -2.78 1.02 -2.69
C LEU A 11 -3.56 2.10 -1.95
N ARG A 12 -3.86 1.84 -0.67
CA ARG A 12 -4.61 2.79 0.14
C ARG A 12 -3.83 4.09 0.28
N ASP A 13 -2.52 3.97 0.47
CA ASP A 13 -1.68 5.15 0.63
C ASP A 13 -1.74 6.02 -0.63
N LEU A 14 -1.66 5.38 -1.79
CA LEU A 14 -1.69 6.11 -3.05
C LEU A 14 -3.05 6.79 -3.23
N ASN A 15 -4.11 6.10 -2.84
CA ASN A 15 -5.45 6.64 -2.96
C ASN A 15 -5.59 7.92 -2.14
N GLY A 16 -5.02 7.91 -0.94
CA GLY A 16 -5.08 9.07 -0.06
C GLY A 16 -4.39 8.79 1.27
N ASP A 17 -4.39 9.78 2.15
CA ASP A 17 -3.75 9.62 3.46
C ASP A 17 -4.72 8.98 4.45
N ASP A 18 -4.47 7.72 4.77
CA ASP A 18 -5.33 6.99 5.71
C ASP A 18 -4.75 7.04 7.11
N SER A 1 5.16 -9.48 -0.49
CA SER A 1 4.40 -9.04 0.72
C SER A 1 5.11 -9.57 1.97
N SER A 2 5.64 -10.79 1.87
CA SER A 2 6.33 -11.39 2.99
C SER A 2 7.64 -10.68 3.27
N ASP A 3 8.33 -10.26 2.21
CA ASP A 3 9.60 -9.56 2.35
C ASP A 3 9.41 -8.06 2.27
N MET A 4 8.38 -7.64 1.54
CA MET A 4 8.10 -6.22 1.37
C MET A 4 6.75 -5.86 1.99
N PHE A 5 6.27 -4.67 1.70
CA PHE A 5 5.00 -4.22 2.24
C PHE A 5 3.84 -4.74 1.38
N ASP A 6 2.67 -4.86 1.99
CA ASP A 6 1.50 -5.36 1.28
C ASP A 6 1.05 -4.36 0.22
N VAL A 7 0.58 -4.88 -0.91
CA VAL A 7 0.12 -4.04 -2.00
C VAL A 7 -1.12 -3.25 -1.58
N ASP A 8 -2.00 -3.90 -0.84
CA ASP A 8 -3.24 -3.26 -0.39
C ASP A 8 -2.92 -2.01 0.42
N GLU A 9 -1.95 -2.12 1.31
CA GLU A 9 -1.56 -0.97 2.14
C GLU A 9 -1.01 0.16 1.26
N LEU A 10 -0.19 -0.21 0.28
CA LEU A 10 0.39 0.78 -0.62
C LEU A 10 -0.70 1.44 -1.47
N LEU A 11 -1.64 0.63 -1.95
CA LEU A 11 -2.71 1.13 -2.78
C LEU A 11 -3.53 2.17 -2.01
N ARG A 12 -3.82 1.87 -0.75
CA ARG A 12 -4.59 2.77 0.09
C ARG A 12 -3.86 4.10 0.24
N ASP A 13 -2.55 4.03 0.46
CA ASP A 13 -1.75 5.23 0.64
C ASP A 13 -1.78 6.08 -0.63
N LEU A 14 -1.73 5.43 -1.78
CA LEU A 14 -1.75 6.15 -3.05
C LEU A 14 -3.08 6.88 -3.24
N ASN A 15 -4.17 6.22 -2.86
CA ASN A 15 -5.49 6.81 -2.99
C ASN A 15 -5.60 8.05 -2.11
N GLY A 16 -5.02 7.98 -0.91
CA GLY A 16 -5.07 9.10 0.02
C GLY A 16 -6.32 9.03 0.89
N ASP A 17 -6.58 10.10 1.63
CA ASP A 17 -7.74 10.15 2.50
C ASP A 17 -8.98 10.58 1.72
N ASP A 18 -9.86 9.62 1.44
CA ASP A 18 -11.08 9.91 0.70
C ASP A 18 -12.30 9.84 1.63
N SER A 1 4.21 -10.91 -0.52
CA SER A 1 4.59 -9.52 -0.11
C SER A 1 5.10 -9.54 1.33
N SER A 2 5.59 -10.69 1.77
CA SER A 2 6.12 -10.82 3.13
C SER A 2 7.43 -10.06 3.28
N ASP A 3 8.29 -10.19 2.28
CA ASP A 3 9.58 -9.51 2.31
C ASP A 3 9.38 -7.99 2.27
N MET A 4 8.40 -7.55 1.49
CA MET A 4 8.12 -6.13 1.37
C MET A 4 6.78 -5.79 2.04
N PHE A 5 6.24 -4.63 1.69
CA PHE A 5 4.97 -4.19 2.27
C PHE A 5 3.81 -4.75 1.46
N ASP A 6 2.64 -4.85 2.09
CA ASP A 6 1.47 -5.38 1.42
C ASP A 6 1.01 -4.45 0.32
N VAL A 7 0.48 -5.02 -0.76
CA VAL A 7 -0.01 -4.23 -1.87
C VAL A 7 -1.22 -3.40 -1.45
N ASP A 8 -2.09 -4.00 -0.64
CA ASP A 8 -3.29 -3.31 -0.19
C ASP A 8 -2.93 -2.02 0.53
N GLU A 9 -1.95 -2.10 1.42
CA GLU A 9 -1.51 -0.92 2.15
C GLU A 9 -0.99 0.14 1.20
N LEU A 10 -0.18 -0.28 0.24
CA LEU A 10 0.39 0.64 -0.73
C LEU A 10 -0.70 1.28 -1.58
N LEU A 11 -1.65 0.46 -2.02
CA LEU A 11 -2.74 0.94 -2.85
C LEU A 11 -3.56 1.99 -2.10
N ARG A 12 -3.81 1.72 -0.83
CA ARG A 12 -4.58 2.65 -0.01
C ARG A 12 -3.83 3.96 0.17
N ASP A 13 -2.51 3.85 0.35
CA ASP A 13 -1.69 5.04 0.52
C ASP A 13 -1.76 5.94 -0.71
N LEU A 14 -1.77 5.31 -1.89
CA LEU A 14 -1.85 6.07 -3.13
C LEU A 14 -3.15 6.85 -3.21
N ASN A 15 -4.25 6.21 -2.84
CA ASN A 15 -5.55 6.85 -2.87
C ASN A 15 -5.58 8.03 -1.90
N GLY A 16 -4.99 7.86 -0.73
CA GLY A 16 -4.94 8.91 0.27
C GLY A 16 -4.08 10.08 -0.20
N ASP A 17 -3.13 9.79 -1.09
CA ASP A 17 -2.24 10.82 -1.60
C ASP A 17 -3.04 11.89 -2.34
N ASP A 18 -2.84 13.14 -1.95
CA ASP A 18 -3.54 14.26 -2.58
C ASP A 18 -2.61 15.00 -3.54
N SER A 1 4.39 -11.09 -0.34
CA SER A 1 4.77 -9.74 0.17
C SER A 1 5.40 -9.88 1.54
N SER A 2 6.15 -10.97 1.74
CA SER A 2 6.81 -11.20 3.02
C SER A 2 8.12 -10.41 3.11
N ASP A 3 8.71 -10.13 1.96
CA ASP A 3 9.95 -9.36 1.91
C ASP A 3 9.67 -7.88 1.67
N MET A 4 8.39 -7.51 1.66
CA MET A 4 8.00 -6.13 1.43
C MET A 4 6.65 -5.84 2.08
N PHE A 5 6.16 -4.63 1.88
CA PHE A 5 4.87 -4.24 2.46
C PHE A 5 3.73 -4.74 1.59
N ASP A 6 2.55 -4.86 2.19
CA ASP A 6 1.38 -5.35 1.45
C ASP A 6 0.98 -4.36 0.37
N VAL A 7 0.51 -4.90 -0.76
CA VAL A 7 0.09 -4.06 -1.87
C VAL A 7 -1.16 -3.28 -1.50
N ASP A 8 -2.06 -3.92 -0.79
CA ASP A 8 -3.32 -3.27 -0.39
C ASP A 8 -3.03 -2.02 0.41
N GLU A 9 -2.07 -2.10 1.33
CA GLU A 9 -1.71 -0.95 2.15
C GLU A 9 -1.12 0.15 1.28
N LEU A 10 -0.28 -0.23 0.33
CA LEU A 10 0.34 0.74 -0.57
C LEU A 10 -0.72 1.40 -1.44
N LEU A 11 -1.68 0.61 -1.92
CA LEU A 11 -2.73 1.13 -2.78
C LEU A 11 -3.53 2.19 -2.05
N ARG A 12 -3.87 1.92 -0.79
CA ARG A 12 -4.64 2.87 0.01
C ARG A 12 -3.86 4.17 0.18
N ASP A 13 -2.55 4.05 0.39
CA ASP A 13 -1.71 5.23 0.58
C ASP A 13 -1.75 6.12 -0.65
N LEU A 14 -1.64 5.50 -1.83
CA LEU A 14 -1.67 6.25 -3.07
C LEU A 14 -3.01 6.93 -3.27
N ASN A 15 -4.09 6.21 -2.93
CA ASN A 15 -5.43 6.76 -3.08
C ASN A 15 -5.61 7.99 -2.18
N GLY A 16 -5.09 7.91 -0.96
CA GLY A 16 -5.19 9.02 -0.03
C GLY A 16 -4.48 10.25 -0.57
N ASP A 17 -3.31 10.05 -1.16
CA ASP A 17 -2.53 11.15 -1.71
C ASP A 17 -3.31 11.86 -2.80
N ASP A 18 -4.01 11.09 -3.63
CA ASP A 18 -4.80 11.65 -4.71
C ASP A 18 -3.92 12.48 -5.64
N SER A 1 5.74 -10.18 -1.22
CA SER A 1 4.74 -9.37 -0.48
C SER A 1 5.00 -9.44 1.01
N SER A 2 5.24 -10.65 1.51
CA SER A 2 5.51 -10.86 2.93
C SER A 2 6.83 -10.21 3.32
N ASP A 3 7.83 -10.38 2.47
CA ASP A 3 9.15 -9.80 2.71
C ASP A 3 9.08 -8.28 2.64
N MET A 4 8.27 -7.77 1.72
CA MET A 4 8.14 -6.34 1.54
C MET A 4 6.80 -5.86 2.11
N PHE A 5 6.39 -4.66 1.71
CA PHE A 5 5.13 -4.10 2.20
C PHE A 5 3.96 -4.64 1.40
N ASP A 6 2.80 -4.74 2.04
CA ASP A 6 1.61 -5.26 1.37
C ASP A 6 1.15 -4.29 0.27
N VAL A 7 0.63 -4.85 -0.81
CA VAL A 7 0.15 -4.04 -1.92
C VAL A 7 -1.08 -3.24 -1.50
N ASP A 8 -1.95 -3.86 -0.72
CA ASP A 8 -3.17 -3.19 -0.28
C ASP A 8 -2.82 -1.93 0.50
N GLU A 9 -1.84 -2.02 1.40
CA GLU A 9 -1.43 -0.87 2.19
C GLU A 9 -0.91 0.24 1.29
N LEU A 10 -0.07 -0.13 0.33
CA LEU A 10 0.50 0.85 -0.59
C LEU A 10 -0.60 1.46 -1.46
N LEU A 11 -1.52 0.62 -1.92
CA LEU A 11 -2.62 1.08 -2.76
C LEU A 11 -3.46 2.10 -2.02
N ARG A 12 -3.77 1.80 -0.77
CA ARG A 12 -4.57 2.71 0.06
C ARG A 12 -3.87 4.05 0.24
N ASP A 13 -2.57 3.99 0.48
CA ASP A 13 -1.78 5.21 0.68
C ASP A 13 -1.83 6.09 -0.57
N LEU A 14 -1.74 5.45 -1.73
CA LEU A 14 -1.78 6.20 -2.98
C LEU A 14 -3.15 6.82 -3.20
N ASN A 15 -4.20 6.06 -2.91
CA ASN A 15 -5.56 6.55 -3.07
C ASN A 15 -5.81 7.73 -2.14
N GLY A 16 -5.31 7.64 -0.92
CA GLY A 16 -5.48 8.71 0.05
C GLY A 16 -4.83 10.00 -0.44
N ASP A 17 -3.64 9.88 -1.00
CA ASP A 17 -2.93 11.04 -1.51
C ASP A 17 -1.83 10.63 -2.47
N ASP A 18 -1.42 11.54 -3.35
CA ASP A 18 -0.36 11.25 -4.30
C ASP A 18 0.66 12.38 -4.34
N SER A 1 4.07 -10.84 -0.59
CA SER A 1 4.78 -9.56 -0.28
C SER A 1 5.14 -9.54 1.19
N SER A 2 5.55 -10.69 1.72
CA SER A 2 5.93 -10.78 3.13
C SER A 2 7.25 -10.07 3.38
N ASP A 3 8.17 -10.23 2.44
CA ASP A 3 9.49 -9.61 2.54
C ASP A 3 9.36 -8.09 2.44
N MET A 4 8.35 -7.64 1.70
CA MET A 4 8.13 -6.22 1.52
C MET A 4 6.79 -5.80 2.12
N PHE A 5 6.32 -4.61 1.74
CA PHE A 5 5.05 -4.10 2.24
C PHE A 5 3.90 -4.66 1.41
N ASP A 6 2.73 -4.77 2.04
CA ASP A 6 1.55 -5.29 1.33
C ASP A 6 1.10 -4.34 0.24
N VAL A 7 0.62 -4.90 -0.86
CA VAL A 7 0.14 -4.09 -1.98
C VAL A 7 -1.11 -3.31 -1.57
N ASP A 8 -1.99 -3.95 -0.82
CA ASP A 8 -3.22 -3.30 -0.40
C ASP A 8 -2.92 -2.05 0.43
N GLU A 9 -1.94 -2.16 1.31
CA GLU A 9 -1.56 -1.03 2.14
C GLU A 9 -1.04 0.13 1.28
N LEU A 10 -0.20 -0.21 0.31
CA LEU A 10 0.36 0.80 -0.59
C LEU A 10 -0.74 1.41 -1.45
N LEU A 11 -1.66 0.57 -1.91
CA LEU A 11 -2.75 1.04 -2.76
C LEU A 11 -3.57 2.10 -2.04
N ARG A 12 -3.92 1.82 -0.78
CA ARG A 12 -4.70 2.75 0.00
C ARG A 12 -3.94 4.05 0.22
N ASP A 13 -2.63 3.93 0.44
CA ASP A 13 -1.79 5.09 0.67
C ASP A 13 -1.81 6.02 -0.53
N LEU A 14 -1.71 5.43 -1.73
CA LEU A 14 -1.71 6.21 -2.96
C LEU A 14 -3.04 6.95 -3.11
N ASN A 15 -4.13 6.28 -2.76
CA ASN A 15 -5.45 6.88 -2.84
C ASN A 15 -5.57 8.06 -1.89
N GLY A 16 -4.77 8.04 -0.82
CA GLY A 16 -4.81 9.10 0.17
C GLY A 16 -5.67 8.71 1.38
N ASP A 17 -6.12 7.45 1.40
CA ASP A 17 -6.94 6.97 2.50
C ASP A 17 -6.15 6.99 3.80
N ASP A 18 -6.83 7.31 4.90
CA ASP A 18 -6.19 7.37 6.21
C ASP A 18 -7.21 7.25 7.32
N SER A 1 5.83 -10.14 -1.44
CA SER A 1 4.84 -9.32 -0.69
C SER A 1 5.11 -9.43 0.81
N SER A 2 5.37 -10.65 1.27
CA SER A 2 5.64 -10.89 2.68
C SER A 2 6.92 -10.21 3.11
N ASP A 3 7.95 -10.33 2.27
CA ASP A 3 9.25 -9.72 2.56
C ASP A 3 9.12 -8.20 2.57
N MET A 4 8.30 -7.69 1.65
CA MET A 4 8.10 -6.25 1.54
C MET A 4 6.75 -5.85 2.14
N PHE A 5 6.30 -4.65 1.81
CA PHE A 5 5.01 -4.16 2.31
C PHE A 5 3.88 -4.70 1.46
N ASP A 6 2.70 -4.85 2.06
CA ASP A 6 1.55 -5.36 1.35
C ASP A 6 1.09 -4.39 0.28
N VAL A 7 0.58 -4.92 -0.83
CA VAL A 7 0.10 -4.10 -1.92
C VAL A 7 -1.11 -3.29 -1.49
N ASP A 8 -1.98 -3.91 -0.70
CA ASP A 8 -3.19 -3.24 -0.24
C ASP A 8 -2.83 -1.98 0.53
N GLU A 9 -1.85 -2.08 1.41
CA GLU A 9 -1.42 -0.93 2.22
C GLU A 9 -0.91 0.18 1.31
N LEU A 10 -0.08 -0.19 0.33
CA LEU A 10 0.47 0.78 -0.60
C LEU A 10 -0.63 1.41 -1.43
N LEU A 11 -1.58 0.58 -1.87
CA LEU A 11 -2.69 1.05 -2.68
C LEU A 11 -3.50 2.10 -1.93
N ARG A 12 -3.77 1.81 -0.65
CA ARG A 12 -4.54 2.73 0.17
C ARG A 12 -3.83 4.08 0.28
N ASP A 13 -2.51 4.03 0.47
CA ASP A 13 -1.73 5.26 0.59
C ASP A 13 -1.85 6.09 -0.68
N LEU A 14 -1.71 5.44 -1.82
CA LEU A 14 -1.80 6.14 -3.10
C LEU A 14 -3.19 6.74 -3.29
N ASN A 15 -4.21 5.99 -2.89
CA ASN A 15 -5.59 6.45 -3.02
C ASN A 15 -5.80 7.71 -2.20
N GLY A 16 -5.23 7.74 -1.00
CA GLY A 16 -5.37 8.89 -0.12
C GLY A 16 -4.63 10.10 -0.69
N ASP A 17 -5.10 11.29 -0.32
CA ASP A 17 -4.47 12.52 -0.80
C ASP A 17 -3.33 12.94 0.11
N ASP A 18 -2.10 12.68 -0.32
CA ASP A 18 -0.93 13.03 0.47
C ASP A 18 0.00 13.94 -0.31
N SER A 1 4.97 -9.43 -0.47
CA SER A 1 4.58 -8.99 0.91
C SER A 1 5.45 -9.70 1.93
N SER A 2 5.93 -10.90 1.57
CA SER A 2 6.76 -11.67 2.48
C SER A 2 8.05 -10.91 2.80
N ASP A 3 8.64 -10.31 1.77
CA ASP A 3 9.87 -9.54 1.95
C ASP A 3 9.64 -8.05 1.67
N MET A 4 8.37 -7.65 1.62
CA MET A 4 8.04 -6.26 1.35
C MET A 4 6.72 -5.89 2.02
N PHE A 5 6.26 -4.67 1.77
CA PHE A 5 5.01 -4.21 2.35
C PHE A 5 3.83 -4.71 1.53
N ASP A 6 2.66 -4.77 2.15
CA ASP A 6 1.47 -5.25 1.45
C ASP A 6 1.07 -4.28 0.35
N VAL A 7 0.55 -4.83 -0.74
CA VAL A 7 0.11 -4.01 -1.86
C VAL A 7 -1.12 -3.20 -1.48
N ASP A 8 -2.03 -3.82 -0.74
CA ASP A 8 -3.25 -3.14 -0.33
C ASP A 8 -2.93 -1.89 0.46
N GLU A 9 -1.96 -1.98 1.37
CA GLU A 9 -1.56 -0.84 2.19
C GLU A 9 -1.01 0.26 1.29
N LEU A 10 -0.13 -0.11 0.37
CA LEU A 10 0.48 0.86 -0.54
C LEU A 10 -0.57 1.50 -1.43
N LEU A 11 -1.48 0.67 -1.95
CA LEU A 11 -2.53 1.16 -2.82
C LEU A 11 -3.42 2.16 -2.08
N ARG A 12 -3.74 1.84 -0.83
CA ARG A 12 -4.58 2.71 -0.02
C ARG A 12 -3.91 4.07 0.19
N ASP A 13 -2.62 4.05 0.47
CA ASP A 13 -1.87 5.28 0.68
C ASP A 13 -1.91 6.16 -0.56
N LEU A 14 -1.72 5.53 -1.72
CA LEU A 14 -1.73 6.27 -2.97
C LEU A 14 -3.10 6.89 -3.21
N ASN A 15 -4.16 6.13 -2.93
CA ASN A 15 -5.51 6.62 -3.12
C ASN A 15 -5.77 7.83 -2.22
N GLY A 16 -5.29 7.76 -0.98
CA GLY A 16 -5.47 8.85 -0.04
C GLY A 16 -4.78 10.12 -0.54
N ASP A 17 -3.58 9.97 -1.09
CA ASP A 17 -2.84 11.12 -1.61
C ASP A 17 -3.61 11.79 -2.75
N ASP A 18 -4.22 10.97 -3.59
CA ASP A 18 -4.98 11.50 -4.73
C ASP A 18 -5.72 10.37 -5.43
N SER A 1 6.02 -10.15 -1.29
CA SER A 1 4.97 -9.38 -0.57
C SER A 1 5.24 -9.41 0.93
N SER A 2 5.55 -10.59 1.43
CA SER A 2 5.83 -10.76 2.85
C SER A 2 7.12 -10.02 3.23
N ASP A 3 8.12 -10.15 2.36
CA ASP A 3 9.40 -9.48 2.60
C ASP A 3 9.21 -7.97 2.54
N MET A 4 8.36 -7.53 1.61
CA MET A 4 8.11 -6.11 1.45
C MET A 4 6.76 -5.72 2.07
N PHE A 5 6.28 -4.54 1.71
CA PHE A 5 5.00 -4.06 2.24
C PHE A 5 3.86 -4.64 1.42
N ASP A 6 2.69 -4.77 2.04
CA ASP A 6 1.54 -5.32 1.34
C ASP A 6 1.06 -4.37 0.24
N VAL A 7 0.57 -4.93 -0.85
CA VAL A 7 0.07 -4.13 -1.96
C VAL A 7 -1.16 -3.34 -1.54
N ASP A 8 -2.04 -3.98 -0.78
CA ASP A 8 -3.27 -3.32 -0.36
C ASP A 8 -2.95 -2.08 0.48
N GLU A 9 -1.97 -2.19 1.35
CA GLU A 9 -1.58 -1.05 2.19
C GLU A 9 -1.07 0.09 1.32
N LEU A 10 -0.22 -0.23 0.36
CA LEU A 10 0.34 0.78 -0.55
C LEU A 10 -0.76 1.37 -1.42
N LEU A 11 -1.67 0.53 -1.88
CA LEU A 11 -2.75 0.99 -2.73
C LEU A 11 -3.58 2.06 -2.03
N ARG A 12 -3.91 1.80 -0.76
CA ARG A 12 -4.69 2.76 0.02
C ARG A 12 -3.92 4.05 0.20
N ASP A 13 -2.61 3.93 0.43
CA ASP A 13 -1.77 5.10 0.63
C ASP A 13 -1.79 5.99 -0.62
N LEU A 14 -1.71 5.35 -1.79
CA LEU A 14 -1.71 6.09 -3.04
C LEU A 14 -3.02 6.85 -3.22
N ASN A 15 -4.13 6.20 -2.86
CA ASN A 15 -5.44 6.84 -2.98
C ASN A 15 -5.53 8.06 -2.09
N GLY A 16 -4.99 7.95 -0.88
CA GLY A 16 -5.01 9.06 0.06
C GLY A 16 -4.26 10.26 -0.49
N ASP A 17 -3.12 10.00 -1.12
CA ASP A 17 -2.31 11.07 -1.69
C ASP A 17 -1.98 12.12 -0.64
N ASP A 18 -1.54 11.65 0.54
CA ASP A 18 -1.20 12.56 1.63
C ASP A 18 -2.34 13.54 1.89
N SER A 1 6.02 -10.29 -1.07
CA SER A 1 4.92 -9.57 -0.38
C SER A 1 5.20 -9.52 1.13
N SER A 2 5.54 -10.68 1.69
CA SER A 2 5.82 -10.77 3.12
C SER A 2 7.11 -10.01 3.45
N ASP A 3 8.13 -10.18 2.61
CA ASP A 3 9.40 -9.51 2.81
C ASP A 3 9.22 -8.01 2.71
N MET A 4 8.39 -7.58 1.75
CA MET A 4 8.14 -6.17 1.56
C MET A 4 6.79 -5.77 2.14
N PHE A 5 6.31 -4.58 1.78
CA PHE A 5 5.03 -4.11 2.29
C PHE A 5 3.89 -4.66 1.44
N ASP A 6 2.72 -4.79 2.05
CA ASP A 6 1.56 -5.32 1.34
C ASP A 6 1.10 -4.34 0.26
N VAL A 7 0.60 -4.89 -0.85
CA VAL A 7 0.13 -4.07 -1.96
C VAL A 7 -1.11 -3.30 -1.55
N ASP A 8 -1.99 -3.95 -0.80
CA ASP A 8 -3.23 -3.31 -0.36
C ASP A 8 -2.92 -2.03 0.43
N GLU A 9 -1.97 -2.12 1.35
CA GLU A 9 -1.61 -0.96 2.15
C GLU A 9 -1.05 0.15 1.27
N LEU A 10 -0.21 -0.23 0.31
CA LEU A 10 0.37 0.74 -0.61
C LEU A 10 -0.70 1.39 -1.46
N LEU A 11 -1.64 0.59 -1.94
CA LEU A 11 -2.71 1.09 -2.78
C LEU A 11 -3.52 2.14 -2.03
N ARG A 12 -3.85 1.84 -0.77
CA ARG A 12 -4.63 2.77 0.04
C ARG A 12 -3.89 4.09 0.21
N ASP A 13 -2.59 4.00 0.45
CA ASP A 13 -1.78 5.19 0.65
C ASP A 13 -1.80 6.08 -0.59
N LEU A 14 -1.75 5.43 -1.76
CA LEU A 14 -1.77 6.17 -3.02
C LEU A 14 -3.12 6.88 -3.20
N ASN A 15 -4.20 6.18 -2.85
CA ASN A 15 -5.53 6.75 -2.98
C ASN A 15 -5.67 7.99 -2.10
N GLY A 16 -5.10 7.92 -0.90
CA GLY A 16 -5.17 9.04 0.03
C GLY A 16 -4.18 10.13 -0.37
N ASP A 17 -4.31 11.30 0.25
CA ASP A 17 -3.41 12.41 -0.05
C ASP A 17 -3.40 12.71 -1.54
N ASP A 18 -4.58 12.65 -2.16
CA ASP A 18 -4.69 12.92 -3.59
C ASP A 18 -4.19 14.32 -3.90
N SER A 1 5.56 -10.44 -1.04
CA SER A 1 4.61 -9.54 -0.32
C SER A 1 5.01 -9.45 1.15
N SER A 2 5.35 -10.59 1.73
CA SER A 2 5.75 -10.64 3.13
C SER A 2 7.10 -9.95 3.32
N ASP A 3 8.02 -10.20 2.40
CA ASP A 3 9.35 -9.60 2.46
C ASP A 3 9.25 -8.09 2.34
N MET A 4 8.32 -7.63 1.49
CA MET A 4 8.15 -6.20 1.27
C MET A 4 6.83 -5.72 1.88
N PHE A 5 6.39 -4.54 1.47
CA PHE A 5 5.14 -3.99 2.00
C PHE A 5 3.96 -4.55 1.21
N ASP A 6 2.81 -4.66 1.89
CA ASP A 6 1.61 -5.18 1.25
C ASP A 6 1.11 -4.22 0.18
N VAL A 7 0.55 -4.78 -0.90
CA VAL A 7 0.04 -3.96 -1.99
C VAL A 7 -1.18 -3.18 -1.54
N ASP A 8 -2.04 -3.82 -0.75
CA ASP A 8 -3.25 -3.19 -0.27
C ASP A 8 -2.91 -1.95 0.55
N GLU A 9 -1.89 -2.06 1.38
CA GLU A 9 -1.46 -0.94 2.21
C GLU A 9 -0.94 0.21 1.36
N LEU A 10 -0.17 -0.14 0.33
CA LEU A 10 0.39 0.87 -0.56
C LEU A 10 -0.71 1.50 -1.41
N LEU A 11 -1.64 0.69 -1.86
CA LEU A 11 -2.74 1.18 -2.69
C LEU A 11 -3.54 2.24 -1.92
N ARG A 12 -3.84 1.94 -0.66
CA ARG A 12 -4.61 2.86 0.17
C ARG A 12 -3.87 4.18 0.32
N ASP A 13 -2.56 4.10 0.55
CA ASP A 13 -1.75 5.30 0.72
C ASP A 13 -1.78 6.15 -0.55
N LEU A 14 -1.64 5.50 -1.70
CA LEU A 14 -1.65 6.21 -2.98
C LEU A 14 -3.01 6.88 -3.20
N ASN A 15 -4.07 6.17 -2.84
CA ASN A 15 -5.43 6.71 -3.01
C ASN A 15 -5.62 7.95 -2.14
N GLY A 16 -5.09 7.90 -0.92
CA GLY A 16 -5.21 9.03 -0.01
C GLY A 16 -4.52 10.27 -0.58
N ASP A 17 -3.34 10.05 -1.17
CA ASP A 17 -2.59 11.16 -1.75
C ASP A 17 -3.38 11.84 -2.85
N ASP A 18 -4.02 11.03 -3.70
CA ASP A 18 -4.81 11.57 -4.80
C ASP A 18 -5.49 10.44 -5.57
#